data_7SQM
#
_entry.id   7SQM
#
_cell.length_a   73.026
_cell.length_b   77.045
_cell.length_c   86.308
_cell.angle_alpha   90.000
_cell.angle_beta   90.000
_cell.angle_gamma   90.000
#
_symmetry.space_group_name_H-M   'P 21 21 21'
#
loop_
_entity.id
_entity.type
_entity.pdbx_description
1 polymer 'Serine/threonine-protein kinase haspin'
2 non-polymer 1-[(4S)-5-(2,4-difluorophenyl)imidazo[2,1-b][1,3,4]thiadiazol-2-yl]-4-methylpiperidin-4-amine
3 non-polymer GLYCEROL
4 water water
#
_entity_poly.entity_id   1
_entity_poly.type   'polypeptide(L)'
_entity_poly.pdbx_seq_one_letter_code
;GPGSPLNTLSISNKKASDAEKVYGECSQKGPVPFSHCLPTEKLQRCEKIGEGVFGEVFQTIADHTPVAIKIIAIEGPDLV
NGSHQKTFEEILPEIIISKELSLLSGEVCNRTEGFIGLNSVHCVQGSYPPLLLKAWDHYNSTKGSANDRPDFFKDDQLFI
VLEFEFGGIDLEQMRTKLSSLATAKSILHQLTASLAVAEASLRFEHRDLHWGNVLLKKTSLKKLHYTLNGKSSTIPSCGL
QVSIIDYTLSRLERDGIVVFCDVSMDEDLFTGDGDYQFDIYRLMKKENNNRWGEYHPYSNVLWLHYLTDKMLKQMTFKTK
CNTPAMKQIKRKIQEFHRTMLNFSSATDLLCQHSLFK
;
_entity_poly.pdbx_strand_id   A
#
# COMPACT_ATOMS: atom_id res chain seq x y z
N SER A 12 -19.93 26.16 -0.69
CA SER A 12 -18.90 27.16 -0.41
C SER A 12 -18.31 26.98 1.00
N ASN A 13 -19.20 26.89 1.99
CA ASN A 13 -18.75 26.59 3.34
C ASN A 13 -18.27 25.15 3.45
N LYS A 14 -18.85 24.23 2.66
CA LYS A 14 -18.41 22.83 2.68
C LYS A 14 -17.00 22.67 2.14
N LYS A 15 -16.65 23.43 1.10
CA LYS A 15 -15.27 23.41 0.58
C LYS A 15 -14.30 23.88 1.66
N ALA A 16 -14.69 24.91 2.42
CA ALA A 16 -13.82 25.40 3.48
C ALA A 16 -13.71 24.38 4.61
N SER A 17 -14.80 23.69 4.92
CA SER A 17 -14.73 22.64 5.94
C SER A 17 -13.82 21.50 5.48
N ASP A 18 -13.94 21.08 4.22
CA ASP A 18 -13.09 20.02 3.71
C ASP A 18 -11.63 20.41 3.81
N ALA A 19 -11.32 21.68 3.48
CA ALA A 19 -9.94 22.14 3.54
C ALA A 19 -9.41 22.15 4.97
N GLU A 20 -10.19 22.66 5.91
CA GLU A 20 -9.76 22.67 7.32
C GLU A 20 -9.50 21.25 7.82
N LYS A 21 -10.26 20.27 7.35
CA LYS A 21 -9.99 18.90 7.80
C LYS A 21 -8.64 18.41 7.27
N VAL A 22 -8.33 18.68 6.00
CA VAL A 22 -7.02 18.24 5.49
C VAL A 22 -5.88 19.00 6.18
N TYR A 23 -5.99 20.34 6.33
CA TYR A 23 -4.90 21.08 6.98
C TYR A 23 -4.71 20.60 8.42
N GLY A 24 -5.81 20.26 9.10
CA GLY A 24 -5.69 19.76 10.45
C GLY A 24 -4.95 18.43 10.51
N GLU A 25 -5.21 17.54 9.54
CA GLU A 25 -4.44 16.28 9.50
C GLU A 25 -2.95 16.54 9.34
N CYS A 26 -2.58 17.65 8.70
CA CYS A 26 -1.19 18.03 8.44
C CYS A 26 -0.60 18.91 9.52
N SER A 27 -1.34 19.21 10.59
CA SER A 27 -0.88 20.14 11.62
C SER A 27 -0.49 21.49 11.01
N GLN A 28 -1.33 21.99 10.09
CA GLN A 28 -1.07 23.25 9.43
C GLN A 28 -2.29 24.14 9.56
N LYS A 29 -2.08 25.46 9.44
CA LYS A 29 -3.20 26.38 9.35
C LYS A 29 -3.61 26.63 7.90
N GLY A 30 -2.70 26.40 6.95
CA GLY A 30 -2.92 26.67 5.55
C GLY A 30 -1.75 26.03 4.82
N PRO A 31 -1.66 26.18 3.50
CA PRO A 31 -0.54 25.55 2.79
C PRO A 31 0.80 26.16 3.20
N VAL A 32 1.86 25.36 3.05
CA VAL A 32 3.24 25.79 3.26
C VAL A 32 3.99 25.61 1.95
N PRO A 33 5.13 26.30 1.78
CA PRO A 33 5.90 26.14 0.55
C PRO A 33 6.60 24.79 0.52
N PHE A 34 6.84 24.29 -0.71
CA PHE A 34 7.58 23.03 -0.88
C PHE A 34 8.84 22.98 -0.03
N SER A 35 9.54 24.13 0.11
CA SER A 35 10.81 24.14 0.85
C SER A 35 10.64 23.80 2.33
N HIS A 36 9.55 24.24 2.96
CA HIS A 36 9.37 23.91 4.37
C HIS A 36 9.45 22.43 4.61
N CYS A 37 9.27 21.68 3.54
CA CYS A 37 9.02 20.27 3.57
C CYS A 37 10.13 19.50 2.86
N LEU A 38 10.67 20.06 1.79
CA LEU A 38 11.73 19.44 1.01
C LEU A 38 12.77 20.52 0.77
N PRO A 39 13.66 20.76 1.74
CA PRO A 39 14.75 21.73 1.53
C PRO A 39 15.78 21.19 0.56
N THR A 40 16.73 22.07 0.22
CA THR A 40 17.63 21.79 -0.88
C THR A 40 18.32 20.44 -0.75
N GLU A 41 18.90 20.16 0.43
CA GLU A 41 19.66 18.92 0.60
C GLU A 41 18.82 17.68 0.37
N LYS A 42 17.59 17.69 0.89
CA LYS A 42 16.69 16.56 0.72
C LYS A 42 16.30 16.41 -0.75
N LEU A 43 16.05 17.55 -1.45
CA LEU A 43 15.71 17.50 -2.87
C LEU A 43 16.85 16.91 -3.67
N GLN A 44 18.08 17.31 -3.37
CA GLN A 44 19.21 16.84 -4.14
C GLN A 44 19.42 15.34 -4.01
N ARG A 45 18.93 14.72 -2.94
CA ARG A 45 19.10 13.29 -2.78
C ARG A 45 17.91 12.49 -3.29
N CYS A 46 16.88 13.16 -3.84
CA CYS A 46 15.72 12.45 -4.34
C CYS A 46 16.04 11.68 -5.62
N GLU A 47 15.47 10.48 -5.71
CA GLU A 47 15.50 9.64 -6.90
C GLU A 47 14.07 9.17 -7.08
N LYS A 48 13.56 9.17 -8.29
CA LYS A 48 12.19 8.68 -8.47
C LYS A 48 12.21 7.15 -8.42
N ILE A 49 11.27 6.56 -7.70
CA ILE A 49 11.22 5.10 -7.61
C ILE A 49 9.88 4.53 -8.01
N GLY A 50 8.86 5.36 -8.22
CA GLY A 50 7.64 4.78 -8.76
C GLY A 50 6.64 5.83 -9.15
N GLU A 51 5.52 5.36 -9.69
CA GLU A 51 4.52 6.30 -10.20
C GLU A 51 3.17 5.61 -10.31
N GLY A 52 2.15 6.45 -10.46
CA GLY A 52 0.83 5.96 -10.76
C GLY A 52 0.04 7.12 -11.33
N VAL A 53 -1.19 6.84 -11.77
CA VAL A 53 -2.05 7.95 -12.16
C VAL A 53 -2.08 8.99 -11.05
N PHE A 54 -2.02 8.54 -9.80
CA PHE A 54 -2.04 9.43 -8.63
C PHE A 54 -0.93 10.47 -8.64
N GLY A 55 0.21 10.18 -9.28
CA GLY A 55 1.37 11.06 -9.13
C GLY A 55 2.67 10.30 -9.01
N GLU A 56 3.56 10.76 -8.11
CA GLU A 56 4.97 10.32 -8.14
C GLU A 56 5.44 9.85 -6.77
N VAL A 57 6.40 8.91 -6.75
CA VAL A 57 7.03 8.48 -5.50
C VAL A 57 8.54 8.60 -5.65
N PHE A 58 9.17 9.28 -4.69
CA PHE A 58 10.61 9.51 -4.67
C PHE A 58 11.22 8.86 -3.44
N GLN A 59 12.49 8.47 -3.53
CA GLN A 59 13.20 8.00 -2.35
C GLN A 59 14.20 9.08 -1.99
N THR A 60 14.38 9.38 -0.70
CA THR A 60 15.43 10.31 -0.33
C THR A 60 15.94 9.93 1.05
N ILE A 61 16.74 10.81 1.64
CA ILE A 61 17.28 10.61 2.97
C ILE A 61 16.81 11.77 3.84
N ALA A 62 16.30 11.45 5.03
CA ALA A 62 15.91 12.45 6.02
C ALA A 62 16.61 12.07 7.32
N ASP A 63 17.51 12.94 7.78
CA ASP A 63 18.27 12.73 9.02
C ASP A 63 18.89 11.32 9.06
N HIS A 64 19.69 11.04 8.02
CA HIS A 64 20.44 9.79 7.90
C HIS A 64 19.55 8.55 7.85
N THR A 65 18.30 8.71 7.45
CA THR A 65 17.37 7.60 7.36
C THR A 65 16.70 7.63 5.98
N PRO A 66 16.58 6.50 5.29
CA PRO A 66 15.87 6.53 4.01
C PRO A 66 14.38 6.69 4.21
N VAL A 67 13.76 7.41 3.28
CA VAL A 67 12.31 7.64 3.34
C VAL A 67 11.79 7.60 1.92
N ALA A 68 10.49 7.33 1.80
CA ALA A 68 9.79 7.36 0.51
C ALA A 68 8.76 8.47 0.58
N ILE A 69 8.69 9.30 -0.45
CA ILE A 69 7.82 10.48 -0.45
C ILE A 69 6.86 10.36 -1.62
N LYS A 70 5.56 10.35 -1.32
CA LYS A 70 4.51 10.26 -2.31
C LYS A 70 3.91 11.67 -2.47
N ILE A 71 3.88 12.16 -3.72
CA ILE A 71 3.44 13.53 -4.00
C ILE A 71 2.21 13.44 -4.90
N ILE A 72 1.10 14.02 -4.43
CA ILE A 72 -0.20 13.98 -5.14
C ILE A 72 -0.71 15.41 -5.36
N ALA A 73 -0.91 15.80 -6.63
CA ALA A 73 -1.51 17.11 -6.91
C ALA A 73 -2.98 17.09 -6.47
N ILE A 74 -3.43 18.13 -5.78
CA ILE A 74 -4.85 18.20 -5.41
C ILE A 74 -5.45 19.56 -5.74
N GLU A 75 -6.77 19.56 -6.00
CA GLU A 75 -7.63 20.74 -6.03
C GLU A 75 -7.45 21.61 -7.27
N GLY A 76 -6.59 21.25 -8.21
CA GLY A 76 -6.49 22.05 -9.42
C GLY A 76 -7.37 21.58 -10.56
N PRO A 77 -7.52 22.43 -11.58
CA PRO A 77 -8.38 22.07 -12.72
C PRO A 77 -7.71 21.30 -13.85
N ASP A 78 -6.39 21.22 -13.89
CA ASP A 78 -5.74 20.57 -15.01
C ASP A 78 -5.85 19.05 -14.92
N LEU A 79 -5.93 18.41 -16.08
CA LEU A 79 -5.81 16.95 -16.12
C LEU A 79 -4.39 16.55 -15.78
N VAL A 80 -4.25 15.48 -14.99
CA VAL A 80 -2.95 14.98 -14.58
C VAL A 80 -2.92 13.48 -14.84
N ASN A 81 -2.03 13.04 -15.74
CA ASN A 81 -1.94 11.62 -16.11
C ASN A 81 -3.31 11.09 -16.55
N GLY A 82 -4.03 11.91 -17.29
CA GLY A 82 -5.31 11.55 -17.87
C GLY A 82 -6.52 11.69 -16.96
N SER A 83 -6.35 12.05 -15.69
CA SER A 83 -7.46 12.11 -14.73
C SER A 83 -7.54 13.49 -14.06
N HIS A 84 -8.73 13.84 -13.60
CA HIS A 84 -8.86 15.07 -12.83
C HIS A 84 -8.28 14.87 -11.43
N GLN A 85 -7.76 15.95 -10.87
CA GLN A 85 -7.14 15.88 -9.55
C GLN A 85 -8.19 15.65 -8.45
N LYS A 86 -7.78 14.96 -7.38
CA LYS A 86 -8.64 14.78 -6.22
C LYS A 86 -8.87 16.11 -5.51
N THR A 87 -10.08 16.27 -4.96
CA THR A 87 -10.39 17.40 -4.10
C THR A 87 -9.95 17.10 -2.67
N PHE A 88 -10.03 18.12 -1.82
CA PHE A 88 -9.74 17.95 -0.39
C PHE A 88 -10.58 16.79 0.18
N GLU A 89 -11.86 16.77 -0.17
CA GLU A 89 -12.72 15.72 0.35
C GLU A 89 -12.24 14.35 -0.11
N GLU A 90 -11.76 14.25 -1.36
CA GLU A 90 -11.40 12.95 -1.91
C GLU A 90 -10.04 12.46 -1.46
N ILE A 91 -9.14 13.37 -1.09
CA ILE A 91 -7.83 12.96 -0.61
C ILE A 91 -7.84 12.62 0.88
N LEU A 92 -8.83 13.07 1.64
CA LEU A 92 -8.81 12.79 3.07
C LEU A 92 -8.75 11.30 3.43
N PRO A 93 -9.50 10.40 2.77
CA PRO A 93 -9.44 8.99 3.20
C PRO A 93 -8.04 8.40 3.18
N GLU A 94 -7.25 8.63 2.13
CA GLU A 94 -5.90 8.03 2.12
C GLU A 94 -5.08 8.54 3.28
N ILE A 95 -5.24 9.82 3.61
CA ILE A 95 -4.50 10.37 4.74
C ILE A 95 -4.90 9.67 6.03
N ILE A 96 -6.21 9.59 6.30
CA ILE A 96 -6.66 8.99 7.56
C ILE A 96 -6.22 7.54 7.64
N ILE A 97 -6.37 6.78 6.55
CA ILE A 97 -6.03 5.36 6.59
C ILE A 97 -4.54 5.16 6.75
N SER A 98 -3.71 5.97 6.06
CA SER A 98 -2.27 5.85 6.26
C SER A 98 -1.90 6.09 7.73
N LYS A 99 -2.54 7.08 8.37
CA LYS A 99 -2.26 7.32 9.77
C LYS A 99 -2.67 6.13 10.64
N GLU A 100 -3.87 5.62 10.44
CA GLU A 100 -4.37 4.54 11.31
C GLU A 100 -3.53 3.28 11.16
N LEU A 101 -3.17 2.90 9.93
CA LEU A 101 -2.40 1.68 9.79
C LEU A 101 -0.98 1.85 10.31
N SER A 102 -0.43 3.08 10.24
CA SER A 102 0.89 3.30 10.84
C SER A 102 0.83 3.08 12.35
N LEU A 103 -0.30 3.42 12.97
CA LEU A 103 -0.38 3.24 14.43
C LEU A 103 -0.34 1.78 14.88
N LEU A 104 -0.68 0.83 14.01
CA LEU A 104 -0.83 -0.56 14.47
C LEU A 104 0.49 -1.14 14.96
N SER A 105 1.63 -0.56 14.55
CA SER A 105 2.88 -1.11 15.06
C SER A 105 3.08 -0.84 16.55
N GLY A 106 2.37 0.12 17.13
CA GLY A 106 2.55 0.51 18.50
C GLY A 106 1.37 0.15 19.37
N GLU A 107 0.36 -0.56 18.82
CA GLU A 107 -0.79 -0.95 19.61
C GLU A 107 -0.48 -2.21 20.41
N VAL A 108 -1.48 -2.68 21.16
CA VAL A 108 -1.28 -3.78 22.09
C VAL A 108 -2.22 -4.95 21.79
N CYS A 109 -3.54 -4.72 21.83
CA CYS A 109 -4.45 -5.85 21.60
C CYS A 109 -4.44 -6.33 20.16
N ASN A 110 -4.34 -5.41 19.21
CA ASN A 110 -4.24 -5.75 17.78
C ASN A 110 -3.02 -5.00 17.27
N ARG A 111 -1.93 -5.72 17.13
CA ARG A 111 -0.63 -5.13 16.86
C ARG A 111 0.02 -5.83 15.67
N THR A 112 0.52 -5.07 14.69
CA THR A 112 1.27 -5.67 13.58
C THR A 112 2.26 -4.66 13.06
N GLU A 113 3.45 -5.13 12.68
CA GLU A 113 4.44 -4.35 11.97
C GLU A 113 4.30 -4.49 10.46
N GLY A 114 3.20 -5.06 9.96
CA GLY A 114 3.19 -5.42 8.56
C GLY A 114 2.68 -4.39 7.59
N PHE A 115 2.35 -3.18 8.05
CA PHE A 115 1.98 -2.12 7.13
C PHE A 115 3.21 -1.25 7.04
N ILE A 116 3.10 0.05 6.92
CA ILE A 116 4.27 0.90 6.72
C ILE A 116 4.08 2.14 7.59
N GLY A 117 5.20 2.64 8.12
CA GLY A 117 5.13 3.80 9.00
C GLY A 117 4.96 5.07 8.19
N LEU A 118 4.10 5.94 8.67
CA LEU A 118 3.89 7.27 8.09
C LEU A 118 4.57 8.28 9.01
N ASN A 119 5.65 8.89 8.53
CA ASN A 119 6.40 9.87 9.33
C ASN A 119 5.67 11.19 9.43
N SER A 120 5.12 11.68 8.32
CA SER A 120 4.49 12.99 8.33
C SER A 120 3.64 13.15 7.10
N VAL A 121 2.72 14.11 7.16
CA VAL A 121 1.93 14.45 5.97
C VAL A 121 1.79 15.96 5.90
N HIS A 122 1.98 16.53 4.72
CA HIS A 122 1.95 18.00 4.56
C HIS A 122 1.14 18.39 3.35
N CYS A 123 0.62 19.62 3.37
CA CYS A 123 -0.06 20.19 2.20
C CYS A 123 0.76 21.39 1.74
N VAL A 124 1.42 21.26 0.58
CA VAL A 124 2.39 22.27 0.14
C VAL A 124 1.84 22.97 -1.08
N GLN A 125 2.42 24.15 -1.38
CA GLN A 125 1.98 24.97 -2.51
C GLN A 125 3.20 25.39 -3.31
N GLY A 126 3.14 25.27 -4.63
CA GLY A 126 4.22 25.74 -5.48
C GLY A 126 4.22 25.03 -6.82
N SER A 127 5.05 25.52 -7.74
CA SER A 127 5.28 24.71 -8.93
C SER A 127 6.19 23.55 -8.56
N TYR A 128 6.29 22.56 -9.46
CA TYR A 128 7.12 21.39 -9.13
C TYR A 128 8.60 21.79 -9.07
N PRO A 129 9.33 21.38 -8.04
CA PRO A 129 10.78 21.71 -7.96
C PRO A 129 11.57 21.20 -9.14
N PRO A 130 12.40 22.04 -9.75
CA PRO A 130 13.31 21.56 -10.80
C PRO A 130 14.09 20.31 -10.44
N LEU A 131 14.53 20.14 -9.19
CA LEU A 131 15.31 18.96 -8.85
C LEU A 131 14.46 17.68 -8.94
N LEU A 132 13.18 17.78 -8.62
CA LEU A 132 12.29 16.63 -8.80
C LEU A 132 12.01 16.39 -10.26
N LEU A 133 11.96 17.44 -11.08
CA LEU A 133 11.83 17.22 -12.53
C LEU A 133 13.04 16.50 -13.07
N LYS A 134 14.22 16.82 -12.53
CA LYS A 134 15.43 16.16 -13.02
C LYS A 134 15.41 14.69 -12.63
N ALA A 135 14.94 14.37 -11.41
CA ALA A 135 14.78 12.96 -11.03
C ALA A 135 13.73 12.28 -11.90
N TRP A 136 12.65 12.97 -12.21
CA TRP A 136 11.60 12.45 -13.07
C TRP A 136 12.17 12.10 -14.45
N ASP A 137 12.96 13.03 -15.01
CA ASP A 137 13.57 12.80 -16.32
C ASP A 137 14.49 11.59 -16.32
N HIS A 138 15.31 11.46 -15.28
CA HIS A 138 16.21 10.31 -15.23
C HIS A 138 15.42 9.00 -15.22
N TYR A 139 14.32 8.94 -14.45
CA TYR A 139 13.49 7.74 -14.46
C TYR A 139 12.92 7.48 -15.85
N ASN A 140 12.38 8.52 -16.48
CA ASN A 140 11.82 8.37 -17.83
C ASN A 140 12.85 7.84 -18.82
N SER A 141 14.08 8.36 -18.76
CA SER A 141 15.14 7.92 -19.67
C SER A 141 15.50 6.46 -19.43
N THR A 142 15.53 6.02 -18.17
CA THR A 142 16.01 4.68 -17.90
C THR A 142 14.90 3.63 -17.86
N LYS A 143 13.85 3.86 -17.07
CA LYS A 143 12.75 2.91 -16.94
C LYS A 143 11.56 3.23 -17.84
N GLY A 144 11.43 4.46 -18.32
CA GLY A 144 10.28 4.86 -19.11
C GLY A 144 9.07 5.16 -18.25
N SER A 145 8.23 6.09 -18.67
CA SER A 145 7.17 6.59 -17.82
C SER A 145 5.85 6.66 -18.58
N ALA A 146 4.76 6.36 -17.89
CA ALA A 146 3.43 6.54 -18.47
C ALA A 146 2.83 7.90 -18.14
N ASN A 147 3.44 8.67 -17.24
CA ASN A 147 2.84 9.91 -16.77
C ASN A 147 3.32 11.09 -17.60
N ASP A 148 2.55 12.17 -17.50
CA ASP A 148 2.92 13.47 -18.03
C ASP A 148 4.08 14.03 -17.21
N ARG A 149 5.07 14.60 -17.87
CA ARG A 149 6.11 15.32 -17.13
C ARG A 149 5.44 16.41 -16.28
N PRO A 150 5.62 16.42 -14.96
CA PRO A 150 4.88 17.38 -14.09
C PRO A 150 5.47 18.79 -14.04
N ASP A 151 5.58 19.43 -15.21
CA ASP A 151 6.19 20.75 -15.33
C ASP A 151 5.17 21.86 -15.62
N PHE A 152 3.89 21.54 -15.61
CA PHE A 152 2.85 22.46 -16.04
C PHE A 152 2.10 23.05 -14.85
N PHE A 153 2.47 22.70 -13.63
CA PHE A 153 1.82 23.21 -12.44
C PHE A 153 2.27 24.65 -12.17
N LYS A 154 1.34 25.49 -11.75
CA LYS A 154 1.63 26.88 -11.43
C LYS A 154 2.03 27.04 -9.98
N ASP A 155 2.44 28.28 -9.64
CA ASP A 155 2.97 28.47 -8.28
C ASP A 155 1.88 28.48 -7.20
N ASP A 156 0.60 28.45 -7.55
CA ASP A 156 -0.48 28.29 -6.55
C ASP A 156 -0.97 26.85 -6.39
N GLN A 157 -0.39 25.90 -7.12
CA GLN A 157 -0.83 24.51 -7.08
C GLN A 157 -0.61 23.89 -5.70
N LEU A 158 -1.60 23.15 -5.23
CA LEU A 158 -1.48 22.40 -3.98
C LEU A 158 -1.12 20.93 -4.22
N PHE A 159 -0.32 20.40 -3.32
CA PHE A 159 0.03 18.99 -3.30
C PHE A 159 -0.10 18.47 -1.88
N ILE A 160 -0.46 17.19 -1.79
CA ILE A 160 -0.28 16.44 -0.55
C ILE A 160 1.05 15.71 -0.65
N VAL A 161 1.87 15.80 0.41
CA VAL A 161 3.18 15.15 0.41
C VAL A 161 3.18 14.19 1.61
N LEU A 162 3.20 12.89 1.33
CA LEU A 162 3.21 11.86 2.39
C LEU A 162 4.62 11.30 2.51
N GLU A 163 5.19 11.33 3.71
CA GLU A 163 6.54 10.82 3.90
C GLU A 163 6.46 9.54 4.71
N PHE A 164 6.86 8.43 4.09
CA PHE A 164 6.81 7.10 4.65
C PHE A 164 8.18 6.57 5.02
N GLU A 165 8.21 5.67 6.02
CA GLU A 165 9.38 4.84 6.20
C GLU A 165 9.69 4.08 4.92
N PHE A 166 10.97 3.87 4.65
CA PHE A 166 11.31 3.13 3.43
C PHE A 166 11.12 1.63 3.69
N GLY A 167 10.37 0.94 2.83
CA GLY A 167 9.97 -0.41 3.19
C GLY A 167 10.70 -1.51 2.44
N GLY A 168 11.56 -1.17 1.48
CA GLY A 168 12.30 -2.20 0.79
C GLY A 168 11.98 -2.31 -0.68
N ILE A 169 12.13 -3.52 -1.23
CA ILE A 169 11.97 -3.81 -2.65
C ILE A 169 10.64 -4.53 -2.85
N ASP A 170 9.94 -4.26 -3.95
CA ASP A 170 8.61 -4.89 -4.07
C ASP A 170 8.73 -6.35 -4.51
N LEU A 171 7.65 -7.09 -4.27
CA LEU A 171 7.66 -8.52 -4.52
C LEU A 171 7.95 -8.81 -5.98
N GLU A 172 7.42 -7.99 -6.89
CA GLU A 172 7.73 -8.17 -8.30
C GLU A 172 9.23 -8.12 -8.57
N GLN A 173 9.93 -7.16 -7.97
CA GLN A 173 11.38 -7.04 -8.20
C GLN A 173 12.19 -8.05 -7.41
N MET A 174 11.59 -8.72 -6.45
CA MET A 174 12.24 -9.81 -5.71
C MET A 174 11.95 -11.17 -6.32
N ARG A 175 11.22 -11.21 -7.44
CA ARG A 175 10.89 -12.38 -8.25
C ARG A 175 11.95 -13.48 -8.22
N THR A 176 13.21 -13.09 -8.39
CA THR A 176 14.33 -14.01 -8.53
C THR A 176 15.24 -14.06 -7.30
N LYS A 177 14.86 -13.44 -6.18
CA LYS A 177 15.77 -13.26 -5.05
C LYS A 177 15.35 -13.99 -3.78
N LEU A 178 14.20 -14.65 -3.77
CA LEU A 178 13.81 -15.40 -2.59
C LEU A 178 14.59 -16.69 -2.51
N SER A 179 14.92 -17.07 -1.27
CA SER A 179 15.82 -18.19 -1.04
C SER A 179 15.12 -19.52 -1.32
N SER A 180 13.92 -19.71 -0.79
CA SER A 180 13.32 -21.04 -0.87
C SER A 180 11.81 -20.91 -0.69
N LEU A 181 11.14 -22.05 -0.86
CA LEU A 181 9.70 -22.08 -0.62
C LEU A 181 9.34 -21.75 0.82
N ALA A 182 10.27 -21.94 1.75
CA ALA A 182 10.00 -21.52 3.12
C ALA A 182 9.82 -20.00 3.18
N THR A 183 10.64 -19.25 2.43
CA THR A 183 10.47 -17.81 2.38
C THR A 183 9.11 -17.45 1.79
N ALA A 184 8.68 -18.16 0.76
CA ALA A 184 7.38 -17.87 0.17
C ALA A 184 6.26 -18.05 1.19
N LYS A 185 6.29 -19.15 1.93
CA LYS A 185 5.27 -19.38 2.94
C LYS A 185 5.31 -18.30 4.02
N SER A 186 6.50 -17.91 4.47
CA SER A 186 6.58 -16.83 5.46
C SER A 186 5.98 -15.52 4.93
N ILE A 187 6.24 -15.18 3.66
CA ILE A 187 5.65 -13.97 3.10
C ILE A 187 4.12 -14.06 3.14
N LEU A 188 3.56 -15.18 2.70
CA LEU A 188 2.10 -15.33 2.73
C LEU A 188 1.55 -15.26 4.15
N HIS A 189 2.24 -15.89 5.10
CA HIS A 189 1.83 -15.86 6.50
C HIS A 189 1.86 -14.43 7.05
N GLN A 190 2.93 -13.67 6.76
CA GLN A 190 3.02 -12.28 7.20
C GLN A 190 1.88 -11.45 6.63
N LEU A 191 1.59 -11.62 5.32
CA LEU A 191 0.53 -10.81 4.71
C LEU A 191 -0.82 -11.13 5.35
N THR A 192 -1.09 -12.44 5.53
CA THR A 192 -2.37 -12.85 6.08
C THR A 192 -2.53 -12.35 7.50
N ALA A 193 -1.48 -12.45 8.30
CA ALA A 193 -1.58 -11.98 9.68
C ALA A 193 -1.78 -10.48 9.75
N SER A 194 -1.08 -9.71 8.90
CA SER A 194 -1.24 -8.25 8.97
C SER A 194 -2.67 -7.84 8.61
N LEU A 195 -3.18 -8.43 7.54
CA LEU A 195 -4.57 -8.14 7.12
C LEU A 195 -5.55 -8.58 8.20
N ALA A 196 -5.30 -9.72 8.86
CA ALA A 196 -6.21 -10.15 9.94
C ALA A 196 -6.22 -9.17 11.09
N VAL A 197 -5.04 -8.67 11.49
CA VAL A 197 -5.01 -7.69 12.58
C VAL A 197 -5.75 -6.42 12.19
N ALA A 198 -5.56 -5.95 10.95
CA ALA A 198 -6.27 -4.75 10.50
C ALA A 198 -7.79 -4.99 10.39
N GLU A 199 -8.23 -6.18 9.95
CA GLU A 199 -9.65 -6.55 9.99
C GLU A 199 -10.19 -6.46 11.42
N ALA A 200 -9.44 -7.01 12.37
CA ALA A 200 -9.92 -7.08 13.75
C ALA A 200 -9.96 -5.70 14.38
N SER A 201 -8.98 -4.86 14.10
CA SER A 201 -8.86 -3.53 14.71
CA SER A 201 -8.95 -3.57 14.77
C SER A 201 -9.76 -2.49 14.05
N LEU A 202 -9.89 -2.58 12.73
CA LEU A 202 -10.36 -1.43 11.93
C LEU A 202 -11.33 -1.85 10.83
N ARG A 203 -11.71 -3.11 10.74
CA ARG A 203 -12.58 -3.59 9.65
C ARG A 203 -12.05 -3.08 8.32
N PHE A 204 -10.77 -3.30 8.13
CA PHE A 204 -9.97 -2.85 7.01
C PHE A 204 -10.08 -3.77 5.79
N GLU A 205 -10.24 -3.17 4.61
CA GLU A 205 -9.99 -3.83 3.33
C GLU A 205 -8.98 -3.02 2.55
N HIS A 206 -7.94 -3.67 2.02
CA HIS A 206 -6.93 -2.93 1.26
C HIS A 206 -7.47 -2.53 -0.11
N ARG A 207 -8.05 -3.48 -0.85
CA ARG A 207 -8.71 -3.33 -2.15
C ARG A 207 -7.77 -3.09 -3.33
N ASP A 208 -6.44 -3.10 -3.15
CA ASP A 208 -5.59 -2.89 -4.31
C ASP A 208 -4.21 -3.51 -4.07
N LEU A 209 -4.18 -4.76 -3.58
CA LEU A 209 -2.93 -5.37 -3.11
C LEU A 209 -2.24 -6.15 -4.23
N HIS A 210 -1.94 -5.46 -5.33
CA HIS A 210 -1.13 -6.09 -6.36
C HIS A 210 0.31 -6.19 -5.87
N TRP A 211 1.16 -6.93 -6.62
CA TRP A 211 2.45 -7.25 -6.02
C TRP A 211 3.45 -6.10 -6.01
N GLY A 212 3.12 -4.96 -6.62
CA GLY A 212 3.95 -3.79 -6.42
C GLY A 212 3.71 -3.13 -5.08
N ASN A 213 2.65 -3.54 -4.38
CA ASN A 213 2.29 -2.95 -3.09
C ASN A 213 2.69 -3.81 -1.93
N VAL A 214 3.53 -4.83 -2.18
CA VAL A 214 4.08 -5.71 -1.16
C VAL A 214 5.58 -5.47 -1.16
N LEU A 215 6.11 -4.89 -0.08
CA LEU A 215 7.53 -4.60 0.00
C LEU A 215 8.24 -5.56 0.95
N LEU A 216 9.52 -5.81 0.66
CA LEU A 216 10.33 -6.77 1.42
C LEU A 216 11.63 -6.12 1.83
N LYS A 217 11.98 -6.21 3.11
CA LYS A 217 13.22 -5.66 3.62
C LYS A 217 13.94 -6.75 4.41
N LYS A 218 15.26 -6.82 4.27
CA LYS A 218 16.03 -7.77 5.03
C LYS A 218 15.94 -7.46 6.52
N THR A 219 15.85 -8.52 7.34
CA THR A 219 15.82 -8.38 8.80
C THR A 219 16.72 -9.44 9.41
N SER A 220 17.41 -9.07 10.50
CA SER A 220 18.20 -10.02 11.29
C SER A 220 17.37 -10.72 12.36
N LEU A 221 16.12 -10.32 12.54
CA LEU A 221 15.23 -11.00 13.47
C LEU A 221 14.81 -12.34 12.91
N LYS A 222 14.90 -13.38 13.73
CA LYS A 222 14.50 -14.71 13.28
C LYS A 222 13.00 -14.93 13.40
N LYS A 223 12.35 -14.31 14.38
CA LYS A 223 10.92 -14.49 14.59
C LYS A 223 10.27 -13.11 14.59
N LEU A 224 9.16 -12.98 13.89
CA LEU A 224 8.37 -11.77 13.88
C LEU A 224 7.15 -12.00 14.76
N HIS A 225 6.61 -10.92 15.32
CA HIS A 225 5.49 -11.06 16.28
C HIS A 225 4.30 -10.25 15.80
N TYR A 226 3.11 -10.75 16.12
CA TYR A 226 1.88 -9.95 15.96
C TYR A 226 0.94 -10.32 17.10
N THR A 227 -0.06 -9.47 17.34
CA THR A 227 -1.07 -9.75 18.37
C THR A 227 -2.42 -9.55 17.72
N LEU A 228 -3.27 -10.56 17.83
CA LEU A 228 -4.62 -10.58 17.27
C LEU A 228 -5.60 -10.73 18.42
N ASN A 229 -6.41 -9.71 18.65
CA ASN A 229 -7.39 -9.72 19.74
C ASN A 229 -6.80 -10.21 21.05
N GLY A 230 -5.62 -9.67 21.40
CA GLY A 230 -4.98 -9.98 22.66
C GLY A 230 -4.12 -11.23 22.69
N LYS A 231 -4.14 -12.07 21.65
CA LYS A 231 -3.31 -13.27 21.63
C LYS A 231 -2.09 -13.01 20.74
N SER A 232 -0.90 -13.19 21.30
CA SER A 232 0.35 -12.96 20.57
C SER A 232 0.86 -14.24 19.92
N SER A 233 1.38 -14.11 18.71
CA SER A 233 1.88 -15.25 17.97
C SER A 233 3.16 -14.83 17.26
N THR A 234 3.89 -15.83 16.76
CA THR A 234 5.11 -15.56 16.04
C THR A 234 5.05 -16.15 14.64
N ILE A 235 5.85 -15.56 13.76
CA ILE A 235 6.05 -16.03 12.39
C ILE A 235 7.55 -16.09 12.09
N PRO A 236 8.11 -17.19 11.59
CA PRO A 236 9.52 -17.13 11.16
C PRO A 236 9.71 -16.07 10.08
N SER A 237 10.76 -15.26 10.21
CA SER A 237 10.98 -14.20 9.23
C SER A 237 11.55 -14.73 7.93
N CYS A 238 12.32 -15.81 7.99
CA CYS A 238 13.16 -16.24 6.87
C CYS A 238 13.99 -15.07 6.34
N GLY A 239 14.33 -14.14 7.23
CA GLY A 239 15.21 -13.04 6.91
C GLY A 239 14.56 -11.88 6.20
N LEU A 240 13.22 -11.88 6.05
CA LEU A 240 12.50 -10.80 5.38
C LEU A 240 11.35 -10.30 6.23
N GLN A 241 11.14 -8.99 6.21
CA GLN A 241 10.02 -8.32 6.85
C GLN A 241 9.16 -7.72 5.73
N VAL A 242 7.89 -8.13 5.68
CA VAL A 242 6.92 -7.66 4.69
C VAL A 242 6.25 -6.35 5.14
N SER A 243 6.09 -5.40 4.22
CA SER A 243 5.29 -4.20 4.46
C SER A 243 4.26 -4.05 3.35
N ILE A 244 2.99 -3.88 3.74
CA ILE A 244 1.90 -3.64 2.80
C ILE A 244 1.78 -2.12 2.66
N ILE A 245 1.74 -1.61 1.43
CA ILE A 245 1.66 -0.16 1.19
C ILE A 245 0.48 0.17 0.27
N ASP A 246 0.21 1.48 0.19
CA ASP A 246 -0.64 2.17 -0.79
C ASP A 246 -2.11 2.01 -0.49
N TYR A 247 -2.70 2.93 0.28
CA TYR A 247 -4.07 2.77 0.71
C TYR A 247 -5.05 3.65 -0.08
N THR A 248 -4.73 3.90 -1.37
CA THR A 248 -5.54 4.82 -2.17
CA THR A 248 -5.53 4.82 -2.18
C THR A 248 -6.96 4.31 -2.36
N LEU A 249 -7.17 2.99 -2.36
CA LEU A 249 -8.53 2.46 -2.56
C LEU A 249 -9.11 1.81 -1.29
N SER A 250 -8.44 1.93 -0.15
CA SER A 250 -8.76 1.14 1.03
C SER A 250 -9.98 1.69 1.77
N ARG A 251 -10.45 0.88 2.73
CA ARG A 251 -11.65 1.19 3.50
C ARG A 251 -11.43 0.72 4.93
N LEU A 252 -11.90 1.50 5.91
CA LEU A 252 -11.89 1.04 7.30
C LEU A 252 -12.98 1.77 8.06
N GLU A 253 -13.17 1.41 9.32
CA GLU A 253 -14.20 2.09 10.12
C GLU A 253 -13.76 2.19 11.58
N ARG A 254 -14.18 3.27 12.22
CA ARG A 254 -13.89 3.52 13.63
C ARG A 254 -15.18 3.96 14.28
N ASP A 255 -15.63 3.22 15.30
CA ASP A 255 -16.88 3.53 16.02
C ASP A 255 -18.05 3.72 15.08
N GLY A 256 -18.14 2.88 14.06
CA GLY A 256 -19.26 2.95 13.14
C GLY A 256 -19.15 3.99 12.05
N ILE A 257 -18.05 4.75 11.98
CA ILE A 257 -17.87 5.78 10.95
C ILE A 257 -16.90 5.23 9.91
N VAL A 258 -17.39 5.07 8.65
CA VAL A 258 -16.60 4.48 7.58
C VAL A 258 -15.77 5.53 6.85
N VAL A 259 -14.51 5.20 6.57
CA VAL A 259 -13.60 6.02 5.77
C VAL A 259 -13.24 5.18 4.53
N PHE A 260 -13.45 5.71 3.33
CA PHE A 260 -13.29 4.85 2.16
C PHE A 260 -13.16 5.68 0.90
N CYS A 261 -12.65 5.03 -0.15
CA CYS A 261 -12.58 5.61 -1.49
C CYS A 261 -13.84 5.22 -2.25
N ASP A 262 -14.60 6.21 -2.64
CA ASP A 262 -15.85 5.97 -3.34
C ASP A 262 -15.54 5.86 -4.82
N VAL A 263 -15.43 4.62 -5.31
CA VAL A 263 -15.13 4.38 -6.70
C VAL A 263 -16.39 4.00 -7.49
N SER A 264 -17.57 4.30 -6.93
CA SER A 264 -18.82 3.88 -7.58
C SER A 264 -19.13 4.64 -8.88
N MET A 265 -18.49 5.77 -9.12
CA MET A 265 -18.60 6.47 -10.39
C MET A 265 -17.35 6.32 -11.25
N ASP A 266 -16.33 5.66 -10.74
CA ASP A 266 -15.10 5.40 -11.50
C ASP A 266 -15.32 4.23 -12.43
N GLU A 267 -15.16 4.46 -13.73
CA GLU A 267 -15.36 3.42 -14.73
C GLU A 267 -14.07 2.75 -15.18
N ASP A 268 -12.99 3.52 -15.40
CA ASP A 268 -11.75 2.97 -15.92
C ASP A 268 -11.12 1.95 -14.99
N LEU A 269 -11.39 2.04 -13.68
CA LEU A 269 -10.85 1.05 -12.78
C LEU A 269 -11.35 -0.37 -13.11
N PHE A 270 -12.55 -0.49 -13.71
CA PHE A 270 -13.15 -1.81 -13.96
C PHE A 270 -13.10 -2.24 -15.42
N THR A 271 -12.31 -1.56 -16.25
CA THR A 271 -12.19 -1.89 -17.67
C THR A 271 -10.77 -2.33 -18.05
N GLY A 272 -9.91 -2.63 -17.08
CA GLY A 272 -8.56 -3.05 -17.38
C GLY A 272 -8.50 -4.46 -17.95
N ASP A 273 -7.35 -4.78 -18.56
CA ASP A 273 -7.18 -6.10 -19.16
C ASP A 273 -5.71 -6.50 -19.14
N GLY A 274 -5.48 -7.81 -19.26
CA GLY A 274 -4.15 -8.36 -19.33
C GLY A 274 -3.62 -8.96 -18.04
N ASP A 275 -4.42 -9.00 -16.99
CA ASP A 275 -3.92 -9.47 -15.70
C ASP A 275 -5.11 -9.79 -14.80
N TYR A 276 -4.92 -10.82 -13.96
CA TYR A 276 -5.90 -11.20 -12.96
C TYR A 276 -6.25 -10.01 -12.04
N GLN A 277 -5.31 -9.09 -11.87
CA GLN A 277 -5.54 -7.92 -11.03
C GLN A 277 -6.82 -7.20 -11.41
N PHE A 278 -7.10 -7.08 -12.70
CA PHE A 278 -8.24 -6.29 -13.14
C PHE A 278 -9.55 -7.08 -13.03
N ASP A 279 -9.49 -8.41 -13.02
CA ASP A 279 -10.67 -9.19 -12.69
C ASP A 279 -11.07 -9.00 -11.22
N ILE A 280 -10.09 -8.75 -10.35
CA ILE A 280 -10.46 -8.57 -8.93
C ILE A 280 -11.31 -7.30 -8.72
N TYR A 281 -10.98 -6.20 -9.38
CA TYR A 281 -11.84 -5.02 -9.21
C TYR A 281 -13.28 -5.33 -9.60
N ARG A 282 -13.47 -6.08 -10.70
CA ARG A 282 -14.83 -6.38 -11.12
C ARG A 282 -15.53 -7.31 -10.13
N LEU A 283 -14.81 -8.29 -9.58
CA LEU A 283 -15.43 -9.18 -8.61
C LEU A 283 -15.81 -8.45 -7.32
N MET A 284 -14.95 -7.54 -6.86
CA MET A 284 -15.26 -6.76 -5.67
C MET A 284 -16.55 -5.95 -5.90
N LYS A 285 -16.65 -5.30 -7.07
CA LYS A 285 -17.85 -4.53 -7.42
C LYS A 285 -19.10 -5.42 -7.49
N LYS A 286 -18.95 -6.62 -8.04
CA LYS A 286 -20.09 -7.53 -8.08
C LYS A 286 -20.53 -7.89 -6.68
N GLU A 287 -19.57 -8.18 -5.80
CA GLU A 287 -19.92 -8.65 -4.47
C GLU A 287 -20.42 -7.55 -3.55
N ASN A 288 -20.11 -6.27 -3.79
CA ASN A 288 -20.67 -5.26 -2.90
C ASN A 288 -21.77 -4.48 -3.56
N ASN A 289 -22.21 -4.87 -4.76
CA ASN A 289 -23.26 -4.16 -5.46
C ASN A 289 -22.90 -2.70 -5.68
N ASN A 290 -21.61 -2.42 -5.87
CA ASN A 290 -21.10 -1.08 -6.10
C ASN A 290 -21.31 -0.17 -4.90
N ARG A 291 -21.45 -0.72 -3.70
CA ARG A 291 -21.60 0.09 -2.48
C ARG A 291 -20.30 -0.05 -1.68
N TRP A 292 -19.41 0.88 -1.88
CA TRP A 292 -18.06 0.73 -1.39
C TRP A 292 -17.88 1.08 0.09
N GLY A 293 -18.89 1.63 0.76
CA GLY A 293 -18.73 1.81 2.19
C GLY A 293 -18.95 0.55 3.00
N GLU A 294 -19.61 -0.45 2.42
CA GLU A 294 -19.88 -1.69 3.13
C GLU A 294 -18.60 -2.46 3.42
N TYR A 295 -18.64 -3.27 4.47
CA TYR A 295 -17.48 -4.05 4.86
C TYR A 295 -17.60 -5.43 4.25
N HIS A 296 -16.63 -5.79 3.39
CA HIS A 296 -16.57 -7.12 2.76
C HIS A 296 -15.14 -7.58 2.89
N PRO A 297 -14.76 -8.18 4.03
CA PRO A 297 -13.37 -8.63 4.20
C PRO A 297 -12.98 -9.75 3.24
N TYR A 298 -13.93 -10.38 2.54
CA TYR A 298 -13.55 -11.33 1.51
C TYR A 298 -12.64 -10.71 0.45
N SER A 299 -12.71 -9.39 0.23
CA SER A 299 -11.82 -8.83 -0.78
C SER A 299 -10.37 -9.03 -0.39
N ASN A 300 -10.08 -9.08 0.92
CA ASN A 300 -8.71 -9.35 1.33
C ASN A 300 -8.30 -10.75 0.89
N VAL A 301 -9.22 -11.72 0.99
CA VAL A 301 -8.96 -13.08 0.56
C VAL A 301 -8.70 -13.11 -0.95
N LEU A 302 -9.48 -12.35 -1.72
CA LEU A 302 -9.26 -12.32 -3.17
C LEU A 302 -7.83 -11.85 -3.46
N TRP A 303 -7.37 -10.81 -2.77
CA TRP A 303 -6.04 -10.32 -3.09
C TRP A 303 -4.98 -11.31 -2.64
N LEU A 304 -5.22 -11.97 -1.49
CA LEU A 304 -4.25 -12.97 -1.05
C LEU A 304 -4.18 -14.10 -2.05
N HIS A 305 -5.34 -14.44 -2.65
CA HIS A 305 -5.35 -15.49 -3.65
C HIS A 305 -4.54 -15.08 -4.87
N TYR A 306 -4.70 -13.83 -5.32
CA TYR A 306 -3.89 -13.33 -6.44
C TYR A 306 -2.39 -13.39 -6.08
N LEU A 307 -2.05 -13.03 -4.85
CA LEU A 307 -0.63 -13.05 -4.47
C LEU A 307 -0.08 -14.47 -4.40
N THR A 308 -0.92 -15.44 -3.98
CA THR A 308 -0.44 -16.81 -3.90
C THR A 308 -0.19 -17.35 -5.30
N ASP A 309 -1.02 -16.90 -6.26
CA ASP A 309 -0.79 -17.29 -7.65
C ASP A 309 0.58 -16.77 -8.12
N LYS A 310 0.92 -15.53 -7.72
CA LYS A 310 2.21 -15.00 -8.12
C LYS A 310 3.31 -15.86 -7.55
N MET A 311 3.16 -16.23 -6.28
CA MET A 311 4.18 -17.02 -5.57
C MET A 311 4.39 -18.34 -6.27
N LEU A 312 3.32 -18.93 -6.81
CA LEU A 312 3.44 -20.25 -7.40
C LEU A 312 3.88 -20.19 -8.84
N LYS A 313 3.70 -19.05 -9.52
CA LYS A 313 3.94 -19.07 -10.95
C LYS A 313 5.07 -18.16 -11.40
N GLN A 314 5.45 -17.15 -10.63
CA GLN A 314 6.41 -16.15 -11.10
C GLN A 314 7.74 -16.11 -10.36
N MET A 315 7.93 -16.93 -9.33
CA MET A 315 9.11 -16.82 -8.47
C MET A 315 10.19 -17.86 -8.80
N THR A 316 11.43 -17.39 -8.84
CA THR A 316 12.63 -18.19 -9.00
C THR A 316 13.39 -18.21 -7.68
N PHE A 317 13.69 -19.39 -7.16
CA PHE A 317 14.30 -19.55 -5.85
C PHE A 317 15.79 -19.85 -5.93
N LYS A 318 16.54 -19.30 -4.96
CA LYS A 318 17.99 -19.43 -4.94
C LYS A 318 18.47 -20.74 -4.33
N THR A 319 17.72 -21.29 -3.37
CA THR A 319 18.13 -22.49 -2.66
C THR A 319 17.38 -23.71 -3.21
N LYS A 320 17.62 -24.87 -2.57
CA LYS A 320 17.30 -26.17 -3.12
C LYS A 320 15.82 -26.51 -2.98
N CYS A 321 15.21 -26.90 -4.10
CA CYS A 321 13.78 -27.09 -4.27
C CYS A 321 13.32 -28.56 -4.31
N ASN A 322 14.23 -29.51 -4.55
CA ASN A 322 13.87 -30.91 -4.66
C ASN A 322 13.95 -31.65 -3.35
N THR A 323 14.26 -30.98 -2.26
CA THR A 323 14.27 -31.68 -1.00
C THR A 323 12.84 -32.05 -0.63
N PRO A 324 12.63 -33.22 -0.03
CA PRO A 324 11.27 -33.56 0.42
C PRO A 324 10.62 -32.45 1.25
N ALA A 325 11.37 -31.72 2.08
CA ALA A 325 10.76 -30.68 2.92
C ALA A 325 10.20 -29.55 2.07
N MET A 326 10.98 -29.08 1.09
CA MET A 326 10.51 -28.00 0.23
C MET A 326 9.39 -28.48 -0.68
N LYS A 327 9.50 -29.69 -1.23
CA LYS A 327 8.37 -30.20 -2.02
C LYS A 327 7.10 -30.24 -1.19
N GLN A 328 7.21 -30.57 0.10
CA GLN A 328 6.02 -30.58 0.95
C GLN A 328 5.47 -29.18 1.15
N ILE A 329 6.35 -28.18 1.34
CA ILE A 329 5.84 -26.82 1.42
C ILE A 329 5.11 -26.42 0.15
N LYS A 330 5.67 -26.77 -1.02
CA LYS A 330 5.01 -26.44 -2.28
C LYS A 330 3.62 -27.06 -2.34
N ARG A 331 3.51 -28.31 -1.93
CA ARG A 331 2.21 -28.97 -1.95
C ARG A 331 1.23 -28.24 -1.04
N LYS A 332 1.72 -27.76 0.11
CA LYS A 332 0.82 -27.06 1.03
C LYS A 332 0.41 -25.69 0.49
N ILE A 333 1.33 -24.98 -0.19
CA ILE A 333 0.93 -23.69 -0.78
C ILE A 333 -0.04 -23.91 -1.94
N GLN A 334 0.14 -24.99 -2.69
CA GLN A 334 -0.82 -25.33 -3.73
C GLN A 334 -2.20 -25.63 -3.14
N GLU A 335 -2.26 -26.36 -2.04
CA GLU A 335 -3.54 -26.67 -1.40
C GLU A 335 -4.20 -25.40 -0.85
N PHE A 336 -3.38 -24.52 -0.27
CA PHE A 336 -3.87 -23.20 0.18
C PHE A 336 -4.45 -22.45 -1.02
N HIS A 337 -3.72 -22.44 -2.14
CA HIS A 337 -4.22 -21.73 -3.30
C HIS A 337 -5.58 -22.28 -3.73
N ARG A 338 -5.77 -23.59 -3.72
CA ARG A 338 -7.03 -24.11 -4.25
CA ARG A 338 -7.04 -24.08 -4.26
C ARG A 338 -8.17 -24.10 -3.25
N THR A 339 -7.92 -23.83 -1.97
CA THR A 339 -8.99 -23.82 -0.97
C THR A 339 -9.23 -22.47 -0.31
N MET A 340 -8.31 -21.51 -0.43
CA MET A 340 -8.48 -20.29 0.36
C MET A 340 -9.73 -19.49 0.00
N LEU A 341 -10.22 -19.62 -1.24
CA LEU A 341 -11.43 -18.84 -1.58
C LEU A 341 -12.68 -19.32 -0.85
N ASN A 342 -12.60 -20.42 -0.11
CA ASN A 342 -13.74 -20.85 0.68
C ASN A 342 -13.74 -20.28 2.08
N PHE A 343 -12.86 -19.33 2.39
CA PHE A 343 -12.77 -18.67 3.70
C PHE A 343 -13.30 -17.24 3.57
N SER A 344 -13.78 -16.69 4.68
CA SER A 344 -14.55 -15.45 4.61
C SER A 344 -13.72 -14.19 4.80
N SER A 345 -12.49 -14.29 5.29
CA SER A 345 -11.72 -13.11 5.67
C SER A 345 -10.28 -13.55 5.86
N ALA A 346 -9.38 -12.57 5.97
CA ALA A 346 -8.00 -12.91 6.32
C ALA A 346 -7.95 -13.49 7.72
N THR A 347 -8.81 -13.00 8.60
CA THR A 347 -8.86 -13.53 9.97
C THR A 347 -9.26 -15.00 9.95
N ASP A 348 -10.28 -15.35 9.13
CA ASP A 348 -10.69 -16.75 9.01
C ASP A 348 -9.54 -17.62 8.46
N LEU A 349 -8.84 -17.14 7.43
CA LEU A 349 -7.68 -17.87 6.90
C LEU A 349 -6.62 -18.09 7.99
N LEU A 350 -6.20 -17.00 8.66
CA LEU A 350 -5.13 -17.10 9.65
C LEU A 350 -5.49 -18.09 10.74
N CYS A 351 -6.70 -17.99 11.28
CA CYS A 351 -7.07 -18.83 12.41
C CYS A 351 -7.53 -20.23 12.05
N GLN A 352 -7.96 -20.50 10.82
CA GLN A 352 -8.56 -21.79 10.50
C GLN A 352 -7.90 -22.57 9.38
N HIS A 353 -7.07 -21.94 8.55
CA HIS A 353 -6.49 -22.68 7.43
C HIS A 353 -5.34 -23.58 7.86
N SER A 354 -5.26 -24.77 7.25
CA SER A 354 -4.26 -25.72 7.69
C SER A 354 -2.83 -25.27 7.34
N LEU A 355 -2.65 -24.36 6.37
CA LEU A 355 -1.31 -23.88 6.06
C LEU A 355 -0.63 -23.31 7.29
N PHE A 356 -1.38 -22.68 8.18
CA PHE A 356 -0.78 -21.97 9.29
C PHE A 356 -0.85 -22.77 10.60
N LYS A 357 -1.09 -24.07 10.51
CA LYS A 357 -1.15 -24.92 11.70
C LYS A 357 0.09 -25.81 11.80
#